data_7ECO
#
_entry.id   7ECO
#
_cell.length_a   95.771
_cell.length_b   26.875
_cell.length_c   78.944
_cell.angle_alpha   90.000
_cell.angle_beta   101.690
_cell.angle_gamma   90.000
#
_symmetry.space_group_name_H-M   'C 1 2 1'
#
loop_
_entity.id
_entity.type
_entity.pdbx_description
1 polymer "RNA (5'-R(*GP*GP*GP*UP*CP*CP*GP*GP*UP*CP*CP*C)-3')"
2 non-polymer 'SILVER ION'
3 water water
#
_entity_poly.entity_id   1
_entity_poly.type   'polyribonucleotide'
_entity_poly.pdbx_seq_one_letter_code
;GGGUCCGGUCCC
;
_entity_poly.pdbx_strand_id   E,F,A,B,C,D
#
loop_
_chem_comp.id
_chem_comp.type
_chem_comp.name
_chem_comp.formula
AG non-polymer 'SILVER ION' 'Ag 1'
C RNA linking CYTIDINE-5'-MONOPHOSPHATE 'C9 H14 N3 O8 P'
G RNA linking GUANOSINE-5'-MONOPHOSPHATE 'C10 H14 N5 O8 P'
U RNA linking URIDINE-5'-MONOPHOSPHATE 'C9 H13 N2 O9 P'
#
# COMPACT_ATOMS: atom_id res chain seq x y z
AG AG G . -12.37 -11.80 2.79
AG AG H . -13.41 -13.55 17.41
AG AG I . 7.85 13.75 9.87
AG AG J . 7.14 14.56 -5.20
AG AG K . 3.64 -2.23 -5.49
AG AG L . 7.16 -0.73 -19.39
#